data_6ECP
#
_entry.id   6ECP
#
_cell.length_a   67.871
_cell.length_b   136.396
_cell.length_c   61.649
_cell.angle_alpha   90.00
_cell.angle_beta   90.00
_cell.angle_gamma   90.00
#
_symmetry.space_group_name_H-M   'P 21 21 21'
#
loop_
_entity.id
_entity.type
_entity.pdbx_description
1 polymer 'Methylenetetrahydrofolate dehydrogenase cyclohydrolase'
2 non-polymer 'NADP NICOTINAMIDE-ADENINE-DINUCLEOTIDE PHOSPHATE'
3 non-polymer 'N-(4-{2-[(6S)-2-amino-4-oxo-1,4,5,6,7,8-hexahydropyrido[2,3-d]pyrimidin-6-yl]ethyl}benzoyl)-L-glutamic acid'
4 water water
#
_entity_poly.entity_id   1
_entity_poly.type   'polypeptide(L)'
_entity_poly.pdbx_seq_one_letter_code
;MAPAEILNGKEISAQIRARLKNQVTQLKEQVPGFTPRLAILQVGNRDDSNLYINVKLKAAEEIGIKATHIKLPRTTTESE
VMKYITSLNEDSTVHGFLVQLPLDSENSINTEEVINAIAPEKDVDGLTSINAGRLARGDLNDCFIPCTPKGCLELIKETG
VPIAGRHAVVVGRSKIVGAPMHDLLLWNNATVTTCHSKTAHLDEEVNKGDILVVATGQPEMVKGEWIKPGAIVIDCGINY
VPDDKKPNGRKVVGDVAYDEAKERASFITPVPGGVGPMTVAMLMQSTVESAKRFLEKFKPGKWMIQ
;
_entity_poly.pdbx_strand_id   A,B
#
# COMPACT_ATOMS: atom_id res chain seq x y z
N ALA A 2 5.87 -38.96 -3.29
CA ALA A 2 6.78 -38.46 -4.40
C ALA A 2 6.94 -36.93 -4.30
N PRO A 3 8.17 -36.40 -4.48
CA PRO A 3 8.43 -34.99 -4.14
C PRO A 3 7.92 -33.93 -5.18
N ALA A 4 7.64 -32.72 -4.67
CA ALA A 4 7.37 -31.49 -5.44
C ALA A 4 8.47 -31.25 -6.45
N GLU A 5 8.11 -30.77 -7.64
CA GLU A 5 9.09 -30.23 -8.58
C GLU A 5 9.86 -29.09 -7.88
N ILE A 6 11.15 -29.03 -8.12
CA ILE A 6 12.06 -28.09 -7.49
C ILE A 6 12.18 -26.92 -8.45
N LEU A 7 11.88 -25.71 -7.97
CA LEU A 7 12.07 -24.49 -8.76
C LEU A 7 13.51 -24.07 -8.53
N ASN A 8 14.32 -24.25 -9.55
CA ASN A 8 15.75 -24.10 -9.44
C ASN A 8 16.13 -22.67 -9.76
N GLY A 9 16.18 -21.82 -8.72
CA GLY A 9 16.45 -20.40 -8.88
C GLY A 9 17.81 -20.10 -9.47
N LYS A 10 18.78 -20.94 -9.18
CA LYS A 10 20.10 -20.85 -9.76
C LYS A 10 20.07 -20.96 -11.30
N GLU A 11 19.33 -21.92 -11.87
CA GLU A 11 19.29 -22.11 -13.33
C GLU A 11 18.43 -21.02 -13.98
N ILE A 12 17.30 -20.68 -13.34
CA ILE A 12 16.39 -19.68 -13.90
C ILE A 12 17.10 -18.32 -13.92
N SER A 13 17.76 -17.99 -12.82
CA SER A 13 18.50 -16.73 -12.74
C SER A 13 19.60 -16.67 -13.79
N ALA A 14 20.30 -17.78 -14.01
CA ALA A 14 21.33 -17.82 -15.06
C ALA A 14 20.73 -17.52 -16.42
N GLN A 15 19.59 -18.10 -16.75
CA GLN A 15 18.89 -17.73 -18.01
C GLN A 15 18.53 -16.21 -18.10
N ILE A 16 18.07 -15.66 -17.00
CA ILE A 16 17.76 -14.24 -16.96
C ILE A 16 19.02 -13.37 -17.17
N ARG A 17 20.09 -13.68 -16.46
CA ARG A 17 21.32 -12.93 -16.61
C ARG A 17 21.87 -13.04 -18.04
N ALA A 18 21.83 -14.21 -18.65
CA ALA A 18 22.24 -14.38 -20.09
C ALA A 18 21.44 -13.47 -21.04
N ARG A 19 20.12 -13.43 -20.85
CA ARG A 19 19.26 -12.57 -21.64
C ARG A 19 19.61 -11.08 -21.42
N LEU A 20 19.82 -10.69 -20.18
CA LEU A 20 20.14 -9.28 -19.90
C LEU A 20 21.49 -8.90 -20.48
N LYS A 21 22.44 -9.83 -20.44
CA LYS A 21 23.75 -9.61 -21.05
C LYS A 21 23.59 -9.27 -22.53
N ASN A 22 22.81 -10.07 -23.24
CA ASN A 22 22.57 -9.82 -24.67
C ASN A 22 21.86 -8.50 -24.89
N GLN A 23 20.86 -8.19 -24.07
CA GLN A 23 20.22 -6.88 -24.15
C GLN A 23 21.24 -5.76 -23.96
N VAL A 24 22.11 -5.91 -22.96
CA VAL A 24 23.10 -4.87 -22.73
C VAL A 24 24.12 -4.76 -23.89
N THR A 25 24.61 -5.88 -24.38
CA THR A 25 25.46 -5.90 -25.59
C THR A 25 24.78 -5.17 -26.74
N GLN A 26 23.50 -5.40 -26.95
CA GLN A 26 22.76 -4.71 -28.03
C GLN A 26 22.57 -3.22 -27.82
N LEU A 27 22.32 -2.79 -26.59
CA LEU A 27 22.25 -1.34 -26.30
C LEU A 27 23.58 -0.61 -26.65
N LYS A 28 24.70 -1.25 -26.34
CA LYS A 28 26.02 -0.69 -26.60
C LYS A 28 26.35 -0.61 -28.08
N GLU A 29 25.89 -1.59 -28.88
CA GLU A 29 26.08 -1.55 -30.33
C GLU A 29 25.17 -0.50 -31.01
N GLN A 30 23.94 -0.33 -30.52
CA GLN A 30 23.04 0.73 -30.96
CA GLN A 30 23.05 0.73 -30.96
C GLN A 30 23.55 2.14 -30.61
N VAL A 31 24.16 2.28 -29.44
CA VAL A 31 24.58 3.58 -28.90
C VAL A 31 26.02 3.48 -28.34
N PRO A 32 27.03 3.53 -29.21
CA PRO A 32 28.37 3.21 -28.69
C PRO A 32 28.88 4.22 -27.68
N GLY A 33 29.51 3.70 -26.62
CA GLY A 33 29.96 4.51 -25.50
C GLY A 33 29.00 4.57 -24.30
N PHE A 34 27.68 4.48 -24.56
CA PHE A 34 26.67 4.30 -23.50
C PHE A 34 26.98 3.07 -22.63
N THR A 35 26.95 3.26 -21.31
CA THR A 35 27.09 2.16 -20.35
C THR A 35 26.01 2.26 -19.27
N PRO A 36 25.09 1.27 -19.25
CA PRO A 36 24.23 1.22 -18.07
C PRO A 36 25.08 1.22 -16.80
N ARG A 37 24.67 1.99 -15.82
CA ARG A 37 25.45 2.15 -14.61
C ARG A 37 24.56 2.09 -13.34
N LEU A 38 25.03 1.28 -12.41
CA LEU A 38 24.43 1.07 -11.09
C LEU A 38 25.40 1.52 -9.98
N ALA A 39 24.87 2.16 -8.92
CA ALA A 39 25.69 2.42 -7.74
C ALA A 39 25.02 1.81 -6.52
N ILE A 40 25.84 1.29 -5.60
CA ILE A 40 25.39 0.76 -4.33
C ILE A 40 26.09 1.52 -3.21
N LEU A 41 25.29 2.16 -2.35
CA LEU A 41 25.81 2.97 -1.25
C LEU A 41 25.67 2.14 0.02
N GLN A 42 26.77 1.95 0.72
CA GLN A 42 26.83 1.17 1.95
C GLN A 42 27.23 2.06 3.09
N VAL A 43 26.61 1.85 4.26
CA VAL A 43 27.04 2.52 5.48
C VAL A 43 27.53 1.44 6.46
N GLY A 44 28.77 1.60 6.91
CA GLY A 44 29.39 0.63 7.81
C GLY A 44 30.08 -0.49 7.08
N ASN A 45 30.17 -1.62 7.73
CA ASN A 45 31.07 -2.70 7.28
C ASN A 45 30.60 -4.09 7.72
N ARG A 46 29.29 -4.34 7.68
CA ARG A 46 28.79 -5.65 8.04
C ARG A 46 29.34 -6.70 7.04
N ASP A 47 29.77 -7.84 7.57
CA ASP A 47 30.18 -9.01 6.77
C ASP A 47 29.12 -9.49 5.79
N ASP A 48 27.87 -9.62 6.21
CA ASP A 48 26.82 -10.13 5.33
C ASP A 48 26.55 -9.14 4.18
N SER A 49 26.47 -7.83 4.49
CA SER A 49 26.29 -6.81 3.49
C SER A 49 27.47 -6.79 2.50
N ASN A 50 28.70 -6.94 3.00
CA ASN A 50 29.88 -7.04 2.12
C ASN A 50 29.71 -8.16 1.08
N LEU A 51 29.23 -9.30 1.54
CA LEU A 51 29.07 -10.47 0.69
C LEU A 51 27.93 -10.24 -0.29
N TYR A 52 26.81 -9.69 0.16
CA TYR A 52 25.67 -9.50 -0.75
C TYR A 52 26.04 -8.45 -1.82
N ILE A 53 26.78 -7.43 -1.43
CA ILE A 53 27.21 -6.43 -2.39
C ILE A 53 28.16 -7.05 -3.43
N ASN A 54 29.15 -7.82 -2.98
CA ASN A 54 30.03 -8.50 -3.93
C ASN A 54 29.27 -9.37 -4.95
N VAL A 55 28.20 -10.04 -4.52
CA VAL A 55 27.35 -10.86 -5.40
C VAL A 55 26.67 -9.98 -6.48
N LYS A 56 26.15 -8.85 -6.04
CA LYS A 56 25.54 -7.89 -6.94
C LYS A 56 26.55 -7.35 -7.93
N LEU A 57 27.75 -6.98 -7.45
CA LEU A 57 28.78 -6.42 -8.35
C LEU A 57 29.19 -7.42 -9.41
N LYS A 58 29.35 -8.67 -9.00
CA LYS A 58 29.72 -9.76 -9.87
C LYS A 58 28.66 -9.99 -11.00
N ALA A 59 27.39 -10.07 -10.62
CA ALA A 59 26.32 -10.21 -11.62
C ALA A 59 26.28 -9.02 -12.56
N ALA A 60 26.48 -7.83 -12.05
CA ALA A 60 26.47 -6.63 -12.90
C ALA A 60 27.61 -6.66 -13.94
N GLU A 61 28.81 -6.97 -13.47
CA GLU A 61 29.98 -7.06 -14.38
C GLU A 61 29.77 -8.17 -15.45
N GLU A 62 29.22 -9.32 -15.07
CA GLU A 62 28.95 -10.38 -16.06
C GLU A 62 27.94 -9.92 -17.14
N ILE A 63 27.05 -9.01 -16.81
CA ILE A 63 26.04 -8.51 -17.74
C ILE A 63 26.55 -7.34 -18.57
N GLY A 64 27.64 -6.70 -18.13
CA GLY A 64 28.17 -5.51 -18.81
C GLY A 64 27.60 -4.20 -18.25
N ILE A 65 26.96 -4.27 -17.08
CA ILE A 65 26.62 -3.10 -16.33
C ILE A 65 27.85 -2.61 -15.55
N LYS A 66 28.18 -1.33 -15.65
CA LYS A 66 29.12 -0.71 -14.74
C LYS A 66 28.56 -0.49 -13.30
N ALA A 67 29.18 -1.16 -12.34
CA ALA A 67 28.75 -1.14 -10.94
C ALA A 67 29.79 -0.40 -10.06
N THR A 68 29.33 0.62 -9.34
CA THR A 68 30.14 1.41 -8.39
C THR A 68 29.69 1.09 -6.94
N HIS A 69 30.63 0.82 -6.06
CA HIS A 69 30.38 0.61 -4.65
C HIS A 69 31.01 1.74 -3.82
N ILE A 70 30.17 2.47 -3.09
CA ILE A 70 30.61 3.50 -2.15
C ILE A 70 30.37 2.95 -0.76
N LYS A 71 31.42 2.90 0.04
CA LYS A 71 31.37 2.35 1.38
C LYS A 71 31.70 3.47 2.40
N LEU A 72 30.72 3.93 3.15
CA LEU A 72 30.90 5.00 4.15
C LEU A 72 31.18 4.39 5.51
N PRO A 73 31.95 5.10 6.36
CA PRO A 73 32.30 4.51 7.68
C PRO A 73 31.15 4.52 8.69
N ARG A 74 31.32 3.74 9.76
CA ARG A 74 30.36 3.63 10.87
C ARG A 74 30.08 4.94 11.60
N THR A 75 31.01 5.90 11.53
CA THR A 75 30.79 7.21 12.08
C THR A 75 29.82 8.07 11.26
N THR A 76 29.35 7.60 10.09
CA THR A 76 28.51 8.43 9.19
C THR A 76 27.18 8.93 9.84
N THR A 77 26.85 10.20 9.56
CA THR A 77 25.65 10.79 10.00
C THR A 77 24.63 10.77 8.86
N GLU A 78 23.37 10.95 9.25
CA GLU A 78 22.26 10.99 8.32
C GLU A 78 22.53 12.09 7.30
N SER A 79 22.92 13.27 7.79
CA SER A 79 23.23 14.35 6.87
C SER A 79 24.35 13.99 5.88
N GLU A 80 25.37 13.24 6.26
CA GLU A 80 26.39 12.81 5.25
C GLU A 80 25.84 11.81 4.23
N VAL A 81 25.00 10.87 4.69
CA VAL A 81 24.38 9.94 3.78
C VAL A 81 23.53 10.73 2.73
N MET A 82 22.77 11.74 3.17
CA MET A 82 21.96 12.61 2.28
C MET A 82 22.76 13.29 1.19
N LYS A 83 23.98 13.73 1.52
CA LYS A 83 24.85 14.35 0.51
C LYS A 83 25.24 13.38 -0.59
N TYR A 84 25.53 12.14 -0.21
CA TYR A 84 25.80 11.14 -1.27
C TYR A 84 24.57 10.82 -2.10
N ILE A 85 23.39 10.78 -1.46
CA ILE A 85 22.16 10.44 -2.19
C ILE A 85 21.86 11.54 -3.20
N THR A 86 22.01 12.78 -2.77
CA THR A 86 21.91 13.95 -3.63
C THR A 86 22.90 13.90 -4.78
N SER A 87 24.16 13.55 -4.49
CA SER A 87 25.15 13.46 -5.57
C SER A 87 24.81 12.36 -6.57
N LEU A 88 24.38 11.18 -6.09
CA LEU A 88 23.93 10.11 -6.99
C LEU A 88 22.69 10.49 -7.82
N ASN A 89 21.73 11.18 -7.21
CA ASN A 89 20.54 11.70 -7.96
C ASN A 89 20.94 12.59 -9.12
N GLU A 90 21.90 13.47 -8.86
CA GLU A 90 22.31 14.49 -9.82
C GLU A 90 23.34 14.00 -10.84
N ASP A 91 23.99 12.87 -10.56
CA ASP A 91 24.95 12.30 -11.52
C ASP A 91 24.28 11.62 -12.70
N SER A 92 24.23 12.28 -13.86
CA SER A 92 23.54 11.71 -15.02
C SER A 92 24.22 10.45 -15.63
N THR A 93 25.45 10.11 -15.25
CA THR A 93 26.00 8.80 -15.60
C THR A 93 25.41 7.60 -14.80
N VAL A 94 24.78 7.85 -13.64
CA VAL A 94 24.18 6.82 -12.80
C VAL A 94 22.72 6.68 -13.13
N HIS A 95 22.33 5.53 -13.68
CA HIS A 95 20.91 5.28 -14.08
C HIS A 95 20.06 4.71 -12.93
N GLY A 96 20.67 3.90 -12.06
CA GLY A 96 20.00 3.32 -10.92
C GLY A 96 20.93 3.21 -9.72
N PHE A 97 20.40 3.43 -8.51
CA PHE A 97 21.18 3.17 -7.33
C PHE A 97 20.34 2.72 -6.17
N LEU A 98 21.01 2.11 -5.20
CA LEU A 98 20.37 1.62 -4.02
C LEU A 98 21.22 1.88 -2.80
N VAL A 99 20.57 1.86 -1.64
CA VAL A 99 21.24 1.92 -0.38
C VAL A 99 21.10 0.56 0.23
N GLN A 100 22.23 -0.08 0.55
CA GLN A 100 22.22 -1.42 1.14
C GLN A 100 21.71 -1.31 2.57
N LEU A 101 20.81 -2.21 2.93
CA LEU A 101 20.20 -2.22 4.27
C LEU A 101 20.51 -3.51 5.03
N PRO A 102 20.54 -3.49 6.36
CA PRO A 102 20.39 -2.32 7.23
C PRO A 102 21.65 -1.49 7.29
N LEU A 103 21.49 -0.20 7.57
CA LEU A 103 22.63 0.73 7.73
C LEU A 103 23.37 0.33 9.00
N ASP A 104 24.69 0.45 8.98
CA ASP A 104 25.53 0.08 10.12
C ASP A 104 26.33 1.33 10.55
N SER A 105 25.70 2.14 11.40
CA SER A 105 26.24 3.39 11.93
C SER A 105 26.13 3.42 13.47
N GLU A 106 27.06 4.13 14.09
CA GLU A 106 26.97 4.45 15.51
C GLU A 106 25.92 5.51 15.84
N ASN A 107 25.54 6.31 14.85
CA ASN A 107 24.48 7.31 15.00
C ASN A 107 23.11 6.79 14.54
N SER A 108 22.05 7.42 15.05
CA SER A 108 20.70 7.15 14.61
C SER A 108 20.55 7.77 13.27
N ILE A 109 20.09 6.97 12.32
CA ILE A 109 19.78 7.45 11.01
C ILE A 109 18.38 6.92 10.73
N ASN A 110 17.50 7.83 10.32
CA ASN A 110 16.15 7.47 9.88
C ASN A 110 16.22 6.90 8.47
N THR A 111 16.15 5.57 8.42
CA THR A 111 16.24 4.81 7.18
C THR A 111 15.21 5.24 6.13
N GLU A 112 13.95 5.40 6.54
CA GLU A 112 12.93 5.84 5.63
C GLU A 112 13.22 7.20 5.00
N GLU A 113 13.70 8.18 5.77
CA GLU A 113 14.03 9.53 5.21
C GLU A 113 15.16 9.44 4.16
N VAL A 114 16.17 8.63 4.48
CA VAL A 114 17.29 8.35 3.57
C VAL A 114 16.78 7.73 2.23
N ILE A 115 16.07 6.63 2.35
CA ILE A 115 15.50 5.96 1.18
C ILE A 115 14.63 6.91 0.35
N ASN A 116 13.82 7.73 1.01
CA ASN A 116 12.91 8.62 0.33
C ASN A 116 13.55 9.87 -0.29
N ALA A 117 14.81 10.14 -0.02
CA ALA A 117 15.56 11.09 -0.84
C ALA A 117 16.01 10.54 -2.20
N ILE A 118 15.91 9.24 -2.41
CA ILE A 118 16.34 8.67 -3.72
C ILE A 118 15.34 9.09 -4.82
N ALA A 119 15.86 9.55 -5.95
CA ALA A 119 15.01 9.96 -7.03
C ALA A 119 14.28 8.70 -7.59
N PRO A 120 12.97 8.81 -7.78
CA PRO A 120 12.14 7.65 -8.06
C PRO A 120 12.52 6.89 -9.32
N GLU A 121 12.99 7.60 -10.33
CA GLU A 121 13.45 7.01 -11.57
C GLU A 121 14.80 6.23 -11.43
N LYS A 122 15.49 6.40 -10.31
CA LYS A 122 16.73 5.68 -10.06
C LYS A 122 16.58 4.63 -8.95
N ASP A 123 15.36 4.50 -8.39
CA ASP A 123 15.10 3.69 -7.19
C ASP A 123 14.90 2.22 -7.64
N VAL A 124 16.00 1.59 -8.05
CA VAL A 124 15.91 0.23 -8.61
C VAL A 124 15.54 -0.85 -7.55
N ASP A 125 15.78 -0.59 -6.27
CA ASP A 125 15.26 -1.45 -5.20
C ASP A 125 13.76 -1.29 -4.94
N GLY A 126 13.14 -0.24 -5.48
CA GLY A 126 11.70 0.03 -5.32
C GLY A 126 11.22 0.34 -3.91
N LEU A 127 12.08 0.92 -3.09
CA LEU A 127 11.74 1.16 -1.69
C LEU A 127 11.34 2.57 -1.33
N THR A 128 11.33 3.47 -2.29
CA THR A 128 10.81 4.78 -2.02
C THR A 128 9.30 4.68 -1.78
N SER A 129 8.79 5.59 -0.98
CA SER A 129 7.33 5.71 -0.81
C SER A 129 6.54 5.89 -2.10
N ILE A 130 7.09 6.62 -3.05
CA ILE A 130 6.47 6.87 -4.33
C ILE A 130 6.24 5.53 -5.08
N ASN A 131 7.27 4.72 -5.14
CA ASN A 131 7.18 3.42 -5.82
C ASN A 131 6.28 2.45 -5.10
N ALA A 132 6.44 2.37 -3.78
CA ALA A 132 5.57 1.54 -2.92
C ALA A 132 4.11 1.91 -3.11
N GLY A 133 3.84 3.20 -3.17
CA GLY A 133 2.49 3.74 -3.32
C GLY A 133 1.86 3.40 -4.65
N ARG A 134 2.67 3.43 -5.70
CA ARG A 134 2.19 2.99 -6.98
C ARG A 134 1.90 1.51 -6.97
N LEU A 135 2.82 0.72 -6.45
CA LEU A 135 2.63 -0.74 -6.40
C LEU A 135 1.43 -1.09 -5.54
N ALA A 136 1.32 -0.44 -4.39
CA ALA A 136 0.27 -0.77 -3.46
C ALA A 136 -1.11 -0.46 -3.99
N ARG A 137 -1.23 0.49 -4.95
CA ARG A 137 -2.52 0.81 -5.50
C ARG A 137 -2.79 0.20 -6.90
N GLY A 138 -1.91 -0.66 -7.39
CA GLY A 138 -2.11 -1.32 -8.68
C GLY A 138 -1.51 -0.66 -9.92
N ASP A 139 -0.82 0.48 -9.79
CA ASP A 139 -0.23 1.19 -10.95
C ASP A 139 1.18 0.64 -11.22
N LEU A 140 1.22 -0.54 -11.81
CA LEU A 140 2.49 -1.21 -12.15
C LEU A 140 3.11 -0.74 -13.48
N ASN A 141 2.51 0.23 -14.16
CA ASN A 141 3.03 0.70 -15.46
C ASN A 141 4.37 1.41 -15.33
N ASP A 142 4.62 1.96 -14.15
CA ASP A 142 5.52 3.09 -14.01
C ASP A 142 6.28 3.11 -12.62
N CYS A 143 6.59 1.91 -12.10
CA CYS A 143 7.29 1.80 -10.82
C CYS A 143 8.30 0.68 -10.80
N PHE A 144 9.28 0.82 -9.92
CA PHE A 144 10.18 -0.30 -9.62
C PHE A 144 9.57 -1.07 -8.48
N ILE A 145 9.65 -2.37 -8.62
CA ILE A 145 9.15 -3.35 -7.68
C ILE A 145 10.35 -3.93 -6.91
N PRO A 146 10.23 -4.10 -5.57
CA PRO A 146 11.39 -4.62 -4.90
C PRO A 146 11.85 -5.96 -5.46
N CYS A 147 13.18 -6.17 -5.41
CA CYS A 147 13.80 -7.27 -6.12
CA CYS A 147 13.75 -7.29 -6.16
C CYS A 147 13.38 -8.69 -5.61
N THR A 148 13.14 -8.84 -4.31
CA THR A 148 12.74 -10.13 -3.75
C THR A 148 11.35 -10.57 -4.19
N PRO A 149 10.33 -9.73 -3.96
CA PRO A 149 9.02 -10.13 -4.50
C PRO A 149 8.97 -10.33 -6.02
N LYS A 150 9.66 -9.46 -6.77
CA LYS A 150 9.81 -9.63 -8.19
C LYS A 150 10.31 -11.07 -8.55
N GLY A 151 11.37 -11.49 -7.85
CA GLY A 151 11.97 -12.81 -8.07
C GLY A 151 11.00 -13.93 -7.68
N CYS A 152 10.28 -13.71 -6.59
CA CYS A 152 9.23 -14.65 -6.20
C CYS A 152 8.14 -14.79 -7.27
N LEU A 153 7.72 -13.70 -7.85
CA LEU A 153 6.66 -13.76 -8.88
C LEU A 153 7.14 -14.54 -10.07
N GLU A 154 8.37 -14.25 -10.49
CA GLU A 154 8.98 -15.01 -11.57
C GLU A 154 9.05 -16.53 -11.26
N LEU A 155 9.48 -16.92 -10.05
CA LEU A 155 9.43 -18.35 -9.65
C LEU A 155 8.00 -18.95 -9.73
N ILE A 156 6.98 -18.22 -9.28
CA ILE A 156 5.62 -18.65 -9.38
C ILE A 156 5.20 -18.88 -10.84
N LYS A 157 5.59 -17.96 -11.72
CA LYS A 157 5.25 -18.07 -13.13
C LYS A 157 5.94 -19.25 -13.79
N GLU A 158 7.15 -19.61 -13.32
CA GLU A 158 7.83 -20.81 -13.77
C GLU A 158 7.09 -22.11 -13.60
N THR A 159 6.09 -22.12 -12.73
CA THR A 159 5.25 -23.28 -12.61
C THR A 159 4.27 -23.40 -13.77
N GLY A 160 4.02 -22.32 -14.50
CA GLY A 160 2.95 -22.36 -15.55
C GLY A 160 1.52 -22.30 -15.01
N VAL A 161 1.30 -22.29 -13.69
CA VAL A 161 -0.03 -22.21 -13.11
C VAL A 161 -0.51 -20.73 -12.97
N PRO A 162 -1.67 -20.37 -13.56
CA PRO A 162 -2.12 -18.98 -13.52
C PRO A 162 -2.39 -18.58 -12.07
N ILE A 163 -1.95 -17.37 -11.75
CA ILE A 163 -2.16 -16.81 -10.43
C ILE A 163 -3.65 -16.40 -10.16
N ALA A 164 -4.33 -15.89 -11.17
CA ALA A 164 -5.69 -15.32 -11.05
C ALA A 164 -6.68 -16.29 -10.41
N GLY A 165 -7.38 -15.85 -9.38
CA GLY A 165 -8.37 -16.70 -8.73
C GLY A 165 -7.82 -17.60 -7.65
N ARG A 166 -6.50 -17.76 -7.57
CA ARG A 166 -5.89 -18.59 -6.52
C ARG A 166 -5.99 -17.89 -5.18
N HIS A 167 -6.09 -18.65 -4.11
CA HIS A 167 -5.93 -18.12 -2.77
C HIS A 167 -4.44 -18.16 -2.43
N ALA A 168 -3.84 -16.98 -2.32
CA ALA A 168 -2.45 -16.88 -1.96
C ALA A 168 -2.33 -16.52 -0.49
N VAL A 169 -1.30 -17.07 0.15
CA VAL A 169 -0.94 -16.66 1.51
C VAL A 169 0.49 -16.13 1.57
N VAL A 170 0.65 -14.95 2.16
CA VAL A 170 1.96 -14.34 2.40
C VAL A 170 2.20 -14.29 3.89
N VAL A 171 3.26 -14.97 4.35
CA VAL A 171 3.61 -14.98 5.76
C VAL A 171 4.78 -14.01 5.93
N GLY A 172 4.50 -12.88 6.56
CA GLY A 172 5.41 -11.73 6.62
C GLY A 172 4.79 -10.51 5.92
N ARG A 173 5.09 -9.31 6.43
CA ARG A 173 4.60 -8.04 5.88
C ARG A 173 5.66 -6.92 5.86
N SER A 174 6.93 -7.27 5.69
CA SER A 174 8.00 -6.26 5.68
C SER A 174 7.92 -5.44 4.45
N LYS A 175 8.53 -4.25 4.53
CA LYS A 175 8.64 -3.30 3.43
C LYS A 175 9.44 -3.88 2.27
N ILE A 176 10.42 -4.70 2.58
CA ILE A 176 11.36 -5.24 1.59
C ILE A 176 10.78 -6.49 0.89
N VAL A 177 10.00 -7.28 1.60
CA VAL A 177 9.50 -8.53 1.06
C VAL A 177 7.98 -8.68 1.14
N GLY A 178 7.46 -8.93 2.34
CA GLY A 178 6.06 -9.36 2.52
C GLY A 178 4.99 -8.43 1.99
N ALA A 179 5.12 -7.14 2.25
CA ALA A 179 4.10 -6.17 1.85
C ALA A 179 4.05 -6.03 0.34
N PRO A 180 5.21 -5.75 -0.30
CA PRO A 180 5.16 -5.75 -1.73
C PRO A 180 4.78 -7.07 -2.36
N MET A 181 5.09 -8.19 -1.71
CA MET A 181 4.71 -9.50 -2.26
C MET A 181 3.19 -9.63 -2.32
N HIS A 182 2.55 -9.24 -1.26
CA HIS A 182 1.10 -9.13 -1.23
C HIS A 182 0.61 -8.33 -2.41
N ASP A 183 1.17 -7.15 -2.61
CA ASP A 183 0.69 -6.30 -3.71
C ASP A 183 0.85 -6.96 -5.07
N LEU A 184 1.98 -7.59 -5.31
CA LEU A 184 2.19 -8.23 -6.61
C LEU A 184 1.19 -9.35 -6.80
N LEU A 185 0.95 -10.15 -5.77
CA LEU A 185 -0.02 -11.20 -5.91
C LEU A 185 -1.44 -10.67 -6.15
N LEU A 186 -1.82 -9.64 -5.44
CA LEU A 186 -3.17 -9.05 -5.56
C LEU A 186 -3.40 -8.47 -6.95
N TRP A 187 -2.40 -7.77 -7.50
CA TRP A 187 -2.59 -7.15 -8.81
C TRP A 187 -2.34 -8.15 -9.92
N ASN A 188 -1.91 -9.36 -9.60
CA ASN A 188 -2.02 -10.48 -10.55
C ASN A 188 -3.27 -11.31 -10.30
N ASN A 189 -4.21 -10.75 -9.56
CA ASN A 189 -5.55 -11.30 -9.35
C ASN A 189 -5.73 -12.53 -8.47
N ALA A 190 -4.77 -12.79 -7.60
CA ALA A 190 -4.99 -13.70 -6.49
C ALA A 190 -5.86 -13.08 -5.43
N THR A 191 -6.51 -13.90 -4.65
CA THR A 191 -7.14 -13.50 -3.40
C THR A 191 -6.09 -13.72 -2.37
N VAL A 192 -5.66 -12.66 -1.67
CA VAL A 192 -4.44 -12.73 -0.81
C VAL A 192 -4.72 -12.55 0.67
N THR A 193 -4.22 -13.46 1.49
CA THR A 193 -4.22 -13.34 2.95
C THR A 193 -2.78 -13.01 3.42
N THR A 194 -2.62 -11.94 4.20
CA THR A 194 -1.36 -11.60 4.80
C THR A 194 -1.36 -11.95 6.29
N CYS A 195 -0.36 -12.74 6.68
CA CYS A 195 -0.11 -13.13 8.06
C CYS A 195 1.13 -12.43 8.60
N HIS A 196 1.25 -12.38 9.92
CA HIS A 196 2.38 -11.73 10.59
C HIS A 196 2.52 -12.31 12.00
N SER A 197 3.36 -11.71 12.87
CA SER A 197 3.60 -12.25 14.24
C SER A 197 2.38 -12.28 15.17
N LYS A 198 1.33 -11.53 14.81
CA LYS A 198 0.10 -11.48 15.59
C LYS A 198 -1.06 -12.29 14.99
N THR A 199 -0.77 -13.07 13.97
CA THR A 199 -1.77 -13.92 13.37
C THR A 199 -2.02 -15.07 14.30
N ALA A 200 -3.29 -15.34 14.57
CA ALA A 200 -3.74 -16.52 15.37
C ALA A 200 -3.87 -17.69 14.42
N HIS A 201 -3.58 -18.89 14.91
CA HIS A 201 -3.82 -20.10 14.10
C HIS A 201 -3.16 -20.02 12.72
N LEU A 202 -1.86 -19.72 12.74
CA LEU A 202 -1.06 -19.58 11.56
C LEU A 202 -1.17 -20.82 10.66
N ASP A 203 -1.17 -22.00 11.27
CA ASP A 203 -1.25 -23.26 10.55
C ASP A 203 -2.50 -23.39 9.67
N GLU A 204 -3.63 -22.98 10.21
CA GLU A 204 -4.88 -23.00 9.47
C GLU A 204 -4.85 -21.92 8.36
N GLU A 205 -4.17 -20.77 8.56
CA GLU A 205 -4.05 -19.74 7.51
C GLU A 205 -3.18 -20.26 6.37
N VAL A 206 -2.04 -20.84 6.72
CA VAL A 206 -1.14 -21.39 5.73
C VAL A 206 -1.80 -22.48 4.88
N ASN A 207 -2.63 -23.27 5.51
CA ASN A 207 -3.27 -24.39 4.86
C ASN A 207 -4.31 -24.00 3.79
N LYS A 208 -4.69 -22.73 3.70
CA LYS A 208 -5.59 -22.22 2.63
C LYS A 208 -4.81 -21.78 1.39
N GLY A 209 -3.48 -21.74 1.44
CA GLY A 209 -2.71 -21.26 0.31
C GLY A 209 -2.42 -22.22 -0.83
N ASP A 210 -3.07 -22.02 -1.97
CA ASP A 210 -2.62 -22.59 -3.27
C ASP A 210 -1.28 -22.04 -3.65
N ILE A 211 -1.01 -20.79 -3.23
CA ILE A 211 0.32 -20.18 -3.40
C ILE A 211 0.70 -19.71 -2.02
N LEU A 212 1.92 -20.00 -1.62
CA LEU A 212 2.40 -19.66 -0.31
C LEU A 212 3.75 -19.01 -0.45
N VAL A 213 3.89 -17.77 0.01
CA VAL A 213 5.21 -17.15 0.05
C VAL A 213 5.53 -16.88 1.51
N VAL A 214 6.70 -17.35 2.00
CA VAL A 214 7.08 -17.16 3.41
C VAL A 214 8.31 -16.25 3.51
N ALA A 215 8.22 -15.19 4.31
CA ALA A 215 9.34 -14.29 4.52
C ALA A 215 9.30 -13.76 5.93
N THR A 216 9.70 -14.64 6.86
CA THR A 216 9.70 -14.37 8.29
C THR A 216 11.05 -14.28 9.00
N GLY A 217 12.07 -14.95 8.48
CA GLY A 217 13.34 -15.05 9.18
C GLY A 217 13.27 -15.96 10.41
N GLN A 218 12.32 -16.90 10.43
CA GLN A 218 12.16 -17.83 11.56
C GLN A 218 12.44 -19.23 11.01
N PRO A 219 13.62 -19.80 11.35
CA PRO A 219 14.11 -20.96 10.64
C PRO A 219 13.16 -22.15 10.68
N GLU A 220 12.72 -22.61 9.50
CA GLU A 220 11.87 -23.80 9.40
C GLU A 220 10.57 -23.80 10.26
N MET A 221 10.07 -22.62 10.60
CA MET A 221 8.87 -22.51 11.44
C MET A 221 7.58 -22.95 10.72
N VAL A 222 7.49 -22.73 9.41
CA VAL A 222 6.33 -23.19 8.64
C VAL A 222 6.50 -24.67 8.36
N LYS A 223 5.64 -25.49 8.99
CA LYS A 223 5.78 -26.93 8.92
C LYS A 223 5.09 -27.51 7.72
N GLY A 224 5.63 -28.61 7.20
CA GLY A 224 5.09 -29.31 6.07
C GLY A 224 3.64 -29.70 6.14
N GLU A 225 3.23 -30.13 7.34
CA GLU A 225 1.82 -30.45 7.64
C GLU A 225 0.86 -29.29 7.32
N TRP A 226 1.34 -28.06 7.47
CA TRP A 226 0.50 -26.88 7.27
C TRP A 226 0.28 -26.63 5.78
N ILE A 227 1.13 -27.16 4.90
CA ILE A 227 1.06 -26.85 3.49
C ILE A 227 -0.17 -27.52 2.86
N LYS A 228 -0.94 -26.76 2.09
CA LYS A 228 -2.01 -27.35 1.32
C LYS A 228 -1.46 -28.31 0.27
N PRO A 229 -2.04 -29.53 0.16
CA PRO A 229 -1.56 -30.45 -0.89
C PRO A 229 -1.68 -29.85 -2.30
N GLY A 230 -0.59 -29.94 -3.07
CA GLY A 230 -0.49 -29.34 -4.39
C GLY A 230 -0.09 -27.85 -4.43
N ALA A 231 0.23 -27.26 -3.28
CA ALA A 231 0.57 -25.83 -3.26
C ALA A 231 1.92 -25.51 -3.91
N ILE A 232 2.04 -24.24 -4.31
CA ILE A 232 3.29 -23.66 -4.76
C ILE A 232 3.89 -22.95 -3.56
N VAL A 233 5.09 -23.37 -3.13
CA VAL A 233 5.72 -22.88 -1.91
C VAL A 233 7.00 -22.12 -2.29
N ILE A 234 7.04 -20.84 -1.90
CA ILE A 234 8.10 -19.93 -2.22
C ILE A 234 8.67 -19.50 -0.85
N ASP A 235 9.95 -19.82 -0.65
CA ASP A 235 10.61 -19.63 0.63
C ASP A 235 11.77 -18.63 0.53
N CYS A 236 11.54 -17.44 1.06
CA CYS A 236 12.54 -16.36 1.05
C CYS A 236 13.54 -16.43 2.17
N GLY A 237 13.40 -17.35 3.11
CA GLY A 237 14.23 -17.34 4.28
C GLY A 237 15.71 -17.67 3.98
N ILE A 238 16.59 -16.98 4.67
CA ILE A 238 18.04 -17.21 4.67
C ILE A 238 18.43 -17.21 6.18
N ASN A 239 18.50 -18.38 6.81
CA ASN A 239 18.77 -18.48 8.25
C ASN A 239 20.01 -19.36 8.48
N TYR A 240 20.91 -18.91 9.36
CA TYR A 240 22.14 -19.68 9.73
C TYR A 240 21.80 -20.50 10.96
N VAL A 241 22.13 -21.80 10.96
CA VAL A 241 21.65 -22.74 11.96
C VAL A 241 22.76 -23.79 12.25
N PRO A 242 22.78 -24.35 13.49
CA PRO A 242 23.53 -25.59 13.82
C PRO A 242 23.32 -26.73 12.83
N LYS A 251 25.07 -24.42 8.33
CA LYS A 251 24.20 -24.58 7.17
C LYS A 251 23.16 -23.42 7.12
N VAL A 252 22.65 -23.18 5.93
CA VAL A 252 21.65 -22.17 5.65
C VAL A 252 20.36 -22.95 5.47
N VAL A 253 19.29 -22.48 6.12
CA VAL A 253 17.94 -23.05 5.92
C VAL A 253 16.92 -21.97 5.71
N GLY A 254 15.79 -22.38 5.13
CA GLY A 254 14.68 -21.50 4.84
C GLY A 254 13.75 -21.30 6.00
N ASP A 255 12.72 -20.52 5.72
CA ASP A 255 11.62 -20.32 6.68
C ASP A 255 10.66 -21.45 6.64
N VAL A 256 10.84 -22.37 5.69
CA VAL A 256 9.94 -23.55 5.54
C VAL A 256 10.71 -24.85 5.87
N ALA A 257 10.05 -25.80 6.53
CA ALA A 257 10.60 -27.13 6.80
C ALA A 257 10.58 -27.93 5.50
N TYR A 258 11.67 -27.81 4.76
CA TYR A 258 11.73 -28.26 3.38
C TYR A 258 11.38 -29.75 3.18
N ASP A 259 11.99 -30.59 4.00
CA ASP A 259 11.87 -32.03 3.74
C ASP A 259 10.41 -32.51 3.92
N GLU A 260 9.64 -31.90 4.82
CA GLU A 260 8.22 -32.27 4.93
C GLU A 260 7.33 -31.49 3.93
N ALA A 261 7.64 -30.21 3.71
CA ALA A 261 6.86 -29.40 2.72
C ALA A 261 6.98 -29.96 1.32
N LYS A 262 8.16 -30.50 0.95
CA LYS A 262 8.34 -31.06 -0.40
C LYS A 262 7.42 -32.25 -0.70
N GLU A 263 6.95 -32.97 0.33
CA GLU A 263 6.02 -34.08 0.15
C GLU A 263 4.58 -33.64 -0.01
N ARG A 264 4.27 -32.40 0.35
CA ARG A 264 2.90 -31.87 0.15
C ARG A 264 2.76 -30.96 -1.05
N ALA A 265 3.77 -30.14 -1.35
CA ALA A 265 3.68 -29.11 -2.42
C ALA A 265 3.78 -29.75 -3.79
N SER A 266 3.34 -29.03 -4.81
CA SER A 266 3.62 -29.46 -6.17
C SER A 266 4.87 -28.79 -6.73
N PHE A 267 5.16 -27.57 -6.27
CA PHE A 267 6.36 -26.86 -6.63
C PHE A 267 6.92 -26.20 -5.34
N ILE A 268 8.23 -26.27 -5.15
CA ILE A 268 8.87 -25.65 -3.98
C ILE A 268 10.23 -25.07 -4.33
N THR A 269 10.58 -23.96 -3.70
CA THR A 269 11.93 -23.41 -3.86
C THR A 269 12.87 -24.01 -2.80
N PRO A 270 14.04 -24.54 -3.19
CA PRO A 270 15.01 -24.89 -2.16
C PRO A 270 15.71 -23.65 -1.57
N VAL A 271 16.35 -23.85 -0.42
CA VAL A 271 17.26 -22.90 0.19
C VAL A 271 18.57 -23.67 0.60
N PRO A 272 19.76 -23.25 0.17
CA PRO A 272 19.96 -22.15 -0.77
C PRO A 272 19.53 -22.50 -2.20
N GLY A 273 19.67 -21.56 -3.12
CA GLY A 273 19.49 -21.80 -4.57
C GLY A 273 18.06 -21.60 -5.15
N GLY A 274 17.17 -20.97 -4.35
CA GLY A 274 15.80 -20.66 -4.79
C GLY A 274 15.59 -19.18 -5.02
N VAL A 275 15.06 -18.49 -4.00
CA VAL A 275 14.77 -17.08 -4.10
C VAL A 275 16.03 -16.20 -4.21
N GLY A 276 17.08 -16.51 -3.46
CA GLY A 276 18.27 -15.65 -3.45
C GLY A 276 18.88 -15.26 -4.80
N PRO A 277 19.17 -16.22 -5.68
CA PRO A 277 19.75 -15.87 -6.98
C PRO A 277 18.80 -15.04 -7.85
N MET A 278 17.50 -15.32 -7.70
CA MET A 278 16.44 -14.63 -8.46
C MET A 278 16.31 -13.18 -8.08
N THR A 279 16.55 -12.88 -6.82
CA THR A 279 16.56 -11.50 -6.34
C THR A 279 17.65 -10.66 -7.03
N VAL A 280 18.86 -11.23 -7.19
CA VAL A 280 19.93 -10.50 -7.83
C VAL A 280 19.66 -10.29 -9.32
N ALA A 281 19.14 -11.31 -10.00
CA ALA A 281 18.79 -11.18 -11.38
C ALA A 281 17.74 -10.05 -11.60
N MET A 282 16.78 -9.97 -10.69
CA MET A 282 15.71 -8.98 -10.80
C MET A 282 16.24 -7.58 -10.59
N LEU A 283 17.19 -7.39 -9.67
CA LEU A 283 17.88 -6.11 -9.52
C LEU A 283 18.56 -5.68 -10.81
N MET A 284 19.24 -6.62 -11.46
CA MET A 284 19.87 -6.34 -12.72
C MET A 284 18.84 -6.01 -13.78
N GLN A 285 17.73 -6.75 -13.84
CA GLN A 285 16.68 -6.38 -14.80
C GLN A 285 16.18 -4.95 -14.54
N SER A 286 15.96 -4.60 -13.27
CA SER A 286 15.50 -3.23 -12.98
C SER A 286 16.54 -2.16 -13.37
N THR A 287 17.81 -2.48 -13.13
CA THR A 287 18.90 -1.58 -13.52
C THR A 287 18.94 -1.39 -15.03
N VAL A 288 18.80 -2.48 -15.78
CA VAL A 288 18.78 -2.38 -17.22
C VAL A 288 17.57 -1.56 -17.70
N GLU A 289 16.40 -1.72 -17.07
CA GLU A 289 15.23 -0.91 -17.43
C GLU A 289 15.53 0.56 -17.13
N SER A 290 16.15 0.87 -16.00
CA SER A 290 16.46 2.26 -15.72
C SER A 290 17.38 2.83 -16.84
N ALA A 291 18.40 2.08 -17.25
CA ALA A 291 19.26 2.58 -18.34
C ALA A 291 18.49 2.81 -19.66
N LYS A 292 17.59 1.87 -20.01
CA LYS A 292 16.75 2.01 -21.21
C LYS A 292 15.79 3.21 -21.17
N ARG A 293 15.17 3.47 -20.02
CA ARG A 293 14.32 4.64 -19.86
C ARG A 293 15.09 5.93 -20.03
N PHE A 294 16.30 6.00 -19.45
CA PHE A 294 17.12 7.20 -19.56
C PHE A 294 17.48 7.46 -21.05
N LEU A 295 17.70 6.39 -21.81
CA LEU A 295 17.93 6.50 -23.23
C LEU A 295 16.75 7.06 -24.09
N GLU A 296 15.67 7.52 -23.46
CA GLU A 296 14.62 8.33 -24.12
C GLU A 296 14.43 9.72 -23.47
N ALA B 2 -29.87 -13.84 18.48
CA ALA B 2 -30.05 -12.41 18.97
C ALA B 2 -29.45 -11.44 17.95
N PRO B 3 -30.16 -10.35 17.59
CA PRO B 3 -29.74 -9.51 16.46
C PRO B 3 -28.56 -8.53 16.75
N ALA B 4 -27.83 -8.19 15.68
CA ALA B 4 -26.63 -7.34 15.76
C ALA B 4 -26.91 -5.97 16.36
N GLU B 5 -26.02 -5.46 17.20
CA GLU B 5 -26.05 -4.05 17.57
CA GLU B 5 -26.09 -4.04 17.56
C GLU B 5 -25.85 -3.24 16.28
N ILE B 6 -26.56 -2.14 16.16
CA ILE B 6 -26.53 -1.26 15.01
C ILE B 6 -25.52 -0.15 15.30
N LEU B 7 -24.51 0.01 14.44
CA LEU B 7 -23.53 1.10 14.58
C LEU B 7 -24.13 2.33 13.93
N ASN B 8 -24.47 3.31 14.74
CA ASN B 8 -25.14 4.50 14.25
C ASN B 8 -24.17 5.58 13.83
N GLY B 9 -23.78 5.57 12.57
CA GLY B 9 -22.84 6.53 12.02
C GLY B 9 -23.23 7.99 12.11
N LYS B 10 -24.52 8.26 12.03
CA LYS B 10 -25.00 9.62 12.22
C LYS B 10 -24.71 10.15 13.65
N GLU B 11 -24.95 9.33 14.68
CA GLU B 11 -24.69 9.76 16.09
C GLU B 11 -23.19 9.83 16.36
N ILE B 12 -22.45 8.82 15.88
CA ILE B 12 -20.99 8.73 16.15
C ILE B 12 -20.31 9.90 15.46
N SER B 13 -20.69 10.19 14.22
CA SER B 13 -20.08 11.29 13.50
C SER B 13 -20.35 12.63 14.22
N ALA B 14 -21.59 12.81 14.70
CA ALA B 14 -21.91 14.03 15.44
C ALA B 14 -21.05 14.18 16.67
N GLN B 15 -20.83 13.11 17.42
CA GLN B 15 -19.89 13.13 18.55
C GLN B 15 -18.46 13.51 18.14
N ILE B 16 -17.99 12.99 17.02
CA ILE B 16 -16.66 13.29 16.54
C ILE B 16 -16.55 14.78 16.19
N ARG B 17 -17.50 15.31 15.45
CA ARG B 17 -17.44 16.72 15.08
C ARG B 17 -17.49 17.65 16.33
N ALA B 18 -18.35 17.33 17.29
CA ALA B 18 -18.37 18.08 18.60
C ALA B 18 -17.01 18.06 19.35
N ARG B 19 -16.38 16.90 19.40
CA ARG B 19 -15.05 16.77 20.01
C ARG B 19 -14.01 17.58 19.23
N LEU B 20 -14.04 17.55 17.89
CA LEU B 20 -13.07 18.29 17.10
C LEU B 20 -13.24 19.80 17.33
N LYS B 21 -14.50 20.24 17.46
CA LYS B 21 -14.77 21.63 17.76
C LYS B 21 -14.07 22.07 19.05
N ASN B 22 -14.25 21.27 20.09
CA ASN B 22 -13.60 21.56 21.38
C ASN B 22 -12.07 21.56 21.26
N GLN B 23 -11.53 20.58 20.56
CA GLN B 23 -10.11 20.55 20.34
C GLN B 23 -9.67 21.82 19.59
N VAL B 24 -10.40 22.23 18.58
CA VAL B 24 -9.99 23.40 17.82
C VAL B 24 -10.07 24.69 18.69
N THR B 25 -11.15 24.84 19.44
CA THR B 25 -11.25 25.94 20.41
C THR B 25 -10.05 25.99 21.32
N GLN B 26 -9.67 24.82 21.84
CA GLN B 26 -8.53 24.74 22.74
C GLN B 26 -7.16 24.98 22.11
N LEU B 27 -6.95 24.56 20.86
CA LEU B 27 -5.70 24.88 20.14
C LEU B 27 -5.49 26.41 19.99
N LYS B 28 -6.59 27.12 19.71
CA LYS B 28 -6.51 28.57 19.52
C LYS B 28 -6.23 29.32 20.82
N GLU B 29 -6.75 28.82 21.94
CA GLU B 29 -6.45 29.40 23.25
C GLU B 29 -5.03 29.09 23.73
N GLN B 30 -4.52 27.89 23.46
CA GLN B 30 -3.13 27.51 23.75
CA GLN B 30 -3.16 27.56 23.81
C GLN B 30 -2.13 28.30 22.90
N VAL B 31 -2.50 28.59 21.65
CA VAL B 31 -1.58 29.24 20.69
C VAL B 31 -2.33 30.38 19.95
N PRO B 32 -2.43 31.55 20.59
CA PRO B 32 -3.30 32.56 19.98
C PRO B 32 -2.77 33.07 18.64
N GLY B 33 -3.69 33.28 17.71
CA GLY B 33 -3.36 33.62 16.34
C GLY B 33 -3.34 32.44 15.37
N PHE B 34 -2.94 31.25 15.86
CA PHE B 34 -3.05 29.99 15.11
C PHE B 34 -4.46 29.73 14.61
N THR B 35 -4.60 29.44 13.32
CA THR B 35 -5.92 29.23 12.69
C THR B 35 -5.87 27.94 11.83
N PRO B 36 -6.40 26.78 12.32
CA PRO B 36 -6.42 25.64 11.41
C PRO B 36 -7.08 26.04 10.09
N ARG B 37 -6.49 25.63 8.98
CA ARG B 37 -6.98 26.07 7.69
C ARG B 37 -6.97 24.95 6.65
N LEU B 38 -8.11 24.83 5.97
CA LEU B 38 -8.37 23.89 4.91
C LEU B 38 -8.67 24.64 3.61
N ALA B 39 -8.16 24.17 2.47
CA ALA B 39 -8.60 24.72 1.16
C ALA B 39 -9.14 23.56 0.31
N ILE B 40 -10.14 23.86 -0.50
CA ILE B 40 -10.69 22.96 -1.48
C ILE B 40 -10.60 23.64 -2.83
N LEU B 41 -9.90 22.98 -3.77
CA LEU B 41 -9.73 23.48 -5.13
C LEU B 41 -10.73 22.75 -6.03
N GLN B 42 -11.55 23.52 -6.74
CA GLN B 42 -12.55 23.01 -7.64
C GLN B 42 -12.27 23.48 -9.04
N VAL B 43 -12.45 22.60 -10.01
CA VAL B 43 -12.38 22.98 -11.42
C VAL B 43 -13.76 22.78 -12.05
N GLY B 44 -14.29 23.86 -12.62
CA GLY B 44 -15.61 23.83 -13.26
C GLY B 44 -16.72 24.14 -12.29
N ASN B 45 -17.89 23.59 -12.58
CA ASN B 45 -19.08 23.97 -11.83
C ASN B 45 -20.12 22.88 -11.73
N ARG B 46 -19.70 21.65 -11.51
CA ARG B 46 -20.66 20.56 -11.40
C ARG B 46 -21.57 20.78 -10.17
N ASP B 47 -22.87 20.54 -10.38
CA ASP B 47 -23.87 20.54 -9.34
C ASP B 47 -23.53 19.62 -8.15
N ASP B 48 -23.16 18.36 -8.40
CA ASP B 48 -22.88 17.45 -7.30
C ASP B 48 -21.65 17.93 -6.46
N SER B 49 -20.58 18.35 -7.14
CA SER B 49 -19.41 18.86 -6.48
C SER B 49 -19.74 20.12 -5.66
N ASN B 50 -20.58 21.03 -6.21
CA ASN B 50 -21.02 22.20 -5.45
C ASN B 50 -21.67 21.81 -4.11
N LEU B 51 -22.52 20.78 -4.16
CA LEU B 51 -23.23 20.34 -2.98
C LEU B 51 -22.27 19.69 -1.98
N TYR B 52 -21.38 18.82 -2.47
CA TYR B 52 -20.45 18.14 -1.54
C TYR B 52 -19.49 19.17 -0.92
N ILE B 53 -19.04 20.15 -1.71
CA ILE B 53 -18.10 21.14 -1.21
C ILE B 53 -18.78 21.98 -0.14
N ASN B 54 -20.01 22.43 -0.39
CA ASN B 54 -20.63 23.28 0.61
CA ASN B 54 -20.79 23.23 0.57
C ASN B 54 -20.87 22.50 1.91
N VAL B 55 -21.11 21.18 1.86
CA VAL B 55 -21.23 20.35 3.08
C VAL B 55 -19.88 20.34 3.87
N LYS B 56 -18.79 20.15 3.16
CA LYS B 56 -17.48 20.18 3.76
C LYS B 56 -17.19 21.55 4.39
N LEU B 57 -17.46 22.65 3.66
CA LEU B 57 -17.17 23.99 4.16
C LEU B 57 -17.97 24.29 5.42
N LYS B 58 -19.21 23.88 5.43
CA LYS B 58 -20.12 24.09 6.55
CA LYS B 58 -20.04 24.21 6.56
C LYS B 58 -19.63 23.36 7.82
N ALA B 59 -19.27 22.08 7.66
CA ALA B 59 -18.70 21.32 8.80
C ALA B 59 -17.45 21.94 9.31
N ALA B 60 -16.59 22.40 8.41
CA ALA B 60 -15.33 23.02 8.84
C ALA B 60 -15.60 24.30 9.67
N GLU B 61 -16.49 25.16 9.15
CA GLU B 61 -16.83 26.41 9.86
C GLU B 61 -17.45 26.13 11.23
N GLU B 62 -18.31 25.11 11.37
CA GLU B 62 -18.88 24.79 12.68
CA GLU B 62 -18.88 24.69 12.66
C GLU B 62 -17.80 24.36 13.70
N ILE B 63 -16.72 23.78 13.22
CA ILE B 63 -15.64 23.31 14.06
C ILE B 63 -14.64 24.41 14.35
N GLY B 64 -14.66 25.51 13.60
CA GLY B 64 -13.72 26.61 13.77
C GLY B 64 -12.50 26.49 12.88
N ILE B 65 -12.55 25.57 11.92
CA ILE B 65 -11.54 25.50 10.87
C ILE B 65 -11.89 26.57 9.83
N LYS B 66 -10.93 27.39 9.45
CA LYS B 66 -11.09 28.28 8.28
C LYS B 66 -11.02 27.50 6.95
N ALA B 67 -12.11 27.52 6.20
CA ALA B 67 -12.25 26.79 4.95
C ALA B 67 -12.28 27.80 3.76
N THR B 68 -11.34 27.62 2.81
CA THR B 68 -11.20 28.41 1.61
C THR B 68 -11.62 27.54 0.41
N HIS B 69 -12.52 28.08 -0.42
CA HIS B 69 -12.96 27.46 -1.64
C HIS B 69 -12.48 28.26 -2.83
N ILE B 70 -11.64 27.62 -3.66
CA ILE B 70 -11.15 28.21 -4.91
C ILE B 70 -11.88 27.46 -6.00
N LYS B 71 -12.63 28.22 -6.81
CA LYS B 71 -13.46 27.64 -7.86
C LYS B 71 -12.94 28.20 -9.21
N LEU B 72 -12.27 27.36 -9.98
CA LEU B 72 -11.70 27.77 -11.27
C LEU B 72 -12.69 27.46 -12.37
N PRO B 73 -12.73 28.28 -13.45
CA PRO B 73 -13.74 28.05 -14.50
C PRO B 73 -13.41 26.83 -15.40
N ARG B 74 -14.40 26.40 -16.17
CA ARG B 74 -14.29 25.28 -17.13
C ARG B 74 -13.21 25.45 -18.20
N THR B 75 -12.90 26.70 -18.52
CA THR B 75 -11.82 27.02 -19.45
C THR B 75 -10.42 26.77 -18.89
N THR B 76 -10.29 26.42 -17.60
CA THR B 76 -8.95 26.22 -16.99
C THR B 76 -8.11 25.09 -17.64
N THR B 77 -6.81 25.32 -17.74
CA THR B 77 -5.88 24.38 -18.26
C THR B 77 -5.15 23.66 -17.15
N GLU B 78 -4.55 22.55 -17.52
CA GLU B 78 -3.76 21.73 -16.63
C GLU B 78 -2.67 22.59 -16.00
N SER B 79 -1.94 23.32 -16.82
CA SER B 79 -0.93 24.19 -16.26
C SER B 79 -1.46 25.19 -15.23
N GLU B 80 -2.66 25.74 -15.41
CA GLU B 80 -3.20 26.64 -14.35
C GLU B 80 -3.58 25.88 -13.06
N VAL B 81 -4.15 24.68 -13.20
CA VAL B 81 -4.42 23.86 -12.03
C VAL B 81 -3.12 23.59 -11.25
N MET B 82 -2.05 23.22 -11.95
CA MET B 82 -0.73 22.94 -11.31
C MET B 82 -0.18 24.14 -10.53
N LYS B 83 -0.37 25.34 -11.10
CA LYS B 83 0.09 26.57 -10.45
C LYS B 83 -0.66 26.79 -9.11
N TYR B 84 -1.96 26.53 -9.08
CA TYR B 84 -2.68 26.65 -7.85
C TYR B 84 -2.25 25.59 -6.81
N ILE B 85 -1.95 24.37 -7.25
CA ILE B 85 -1.50 23.33 -6.34
C ILE B 85 -0.18 23.71 -5.72
N THR B 86 0.74 24.19 -6.56
CA THR B 86 2.01 24.73 -6.10
C THR B 86 1.82 25.89 -5.12
N SER B 87 0.91 26.80 -5.42
CA SER B 87 0.70 27.92 -4.49
C SER B 87 0.12 27.46 -3.15
N LEU B 88 -0.84 26.53 -3.17
CA LEU B 88 -1.34 25.92 -1.92
C LEU B 88 -0.27 25.18 -1.11
N ASN B 89 0.59 24.42 -1.79
CA ASN B 89 1.71 23.73 -1.14
C ASN B 89 2.59 24.71 -0.38
N GLU B 90 2.90 25.85 -1.03
CA GLU B 90 3.85 26.82 -0.50
C GLU B 90 3.21 27.83 0.47
N ASP B 91 1.90 27.91 0.53
CA ASP B 91 1.23 28.83 1.44
C ASP B 91 1.26 28.28 2.91
N SER B 92 2.13 28.83 3.73
CA SER B 92 2.25 28.33 5.12
C SER B 92 1.04 28.60 6.03
N THR B 93 0.08 29.41 5.62
CA THR B 93 -1.22 29.46 6.33
C THR B 93 -2.16 28.23 6.11
N VAL B 94 -1.94 27.46 5.04
CA VAL B 94 -2.82 26.34 4.66
C VAL B 94 -2.23 25.05 5.17
N HIS B 95 -2.91 24.39 6.10
CA HIS B 95 -2.43 23.11 6.69
C HIS B 95 -2.81 21.86 5.90
N GLY B 96 -3.99 21.90 5.27
CA GLY B 96 -4.45 20.79 4.47
C GLY B 96 -5.28 21.28 3.28
N PHE B 97 -5.16 20.60 2.14
CA PHE B 97 -6.05 20.89 1.05
C PHE B 97 -6.35 19.68 0.20
N LEU B 98 -7.42 19.79 -0.57
CA LEU B 98 -7.79 18.75 -1.47
C LEU B 98 -8.26 19.32 -2.80
N VAL B 99 -8.24 18.47 -3.82
CA VAL B 99 -8.79 18.80 -5.09
C VAL B 99 -10.05 17.99 -5.25
N GLN B 100 -11.17 18.66 -5.47
CA GLN B 100 -12.46 17.97 -5.58
C GLN B 100 -12.48 17.27 -6.92
N LEU B 101 -12.91 16.02 -6.93
CA LEU B 101 -12.96 15.23 -8.15
C LEU B 101 -14.38 14.82 -8.53
N PRO B 102 -14.64 14.50 -9.81
CA PRO B 102 -13.76 14.69 -10.96
C PRO B 102 -13.71 16.16 -11.39
N LEU B 103 -12.62 16.55 -12.04
CA LEU B 103 -12.43 17.88 -12.58
C LEU B 103 -13.40 18.12 -13.73
N ASP B 104 -13.88 19.33 -13.90
CA ASP B 104 -14.84 19.69 -14.95
C ASP B 104 -14.21 20.82 -15.79
N SER B 105 -13.42 20.40 -16.79
CA SER B 105 -12.78 21.33 -17.74
C SER B 105 -13.09 20.94 -19.21
N GLU B 106 -13.09 21.93 -20.08
CA GLU B 106 -13.15 21.70 -21.54
C GLU B 106 -11.84 21.14 -22.10
N ASN B 107 -10.73 21.32 -21.40
CA ASN B 107 -9.43 20.77 -21.78
C ASN B 107 -9.10 19.44 -21.10
N SER B 108 -8.16 18.69 -21.68
CA SER B 108 -7.66 17.48 -21.10
C SER B 108 -6.78 17.82 -19.92
N ILE B 109 -7.08 17.23 -18.77
CA ILE B 109 -6.28 17.42 -17.60
C ILE B 109 -6.00 16.04 -17.04
N ASN B 110 -4.71 15.73 -16.85
CA ASN B 110 -4.28 14.49 -16.23
C ASN B 110 -4.51 14.56 -14.72
N THR B 111 -5.61 13.96 -14.30
CA THR B 111 -6.03 13.89 -12.90
C THR B 111 -4.97 13.34 -11.94
N GLU B 112 -4.35 12.24 -12.33
CA GLU B 112 -3.30 11.65 -11.52
C GLU B 112 -2.11 12.58 -11.28
N GLU B 113 -1.66 13.28 -12.33
CA GLU B 113 -0.52 14.24 -12.20
C GLU B 113 -0.88 15.39 -11.25
N VAL B 114 -2.10 15.89 -11.40
CA VAL B 114 -2.66 16.94 -10.51
C VAL B 114 -2.63 16.47 -9.03
N ILE B 115 -3.29 15.36 -8.75
CA ILE B 115 -3.33 14.81 -7.40
C ILE B 115 -1.90 14.60 -6.84
N ASN B 116 -1.00 14.06 -7.66
CA ASN B 116 0.35 13.79 -7.21
C ASN B 116 1.29 14.99 -7.06
N ALA B 117 0.86 16.15 -7.50
CA ALA B 117 1.57 17.40 -7.15
C ALA B 117 1.21 17.91 -5.75
N ILE B 118 0.21 17.33 -5.09
CA ILE B 118 -0.15 17.79 -3.74
C ILE B 118 0.93 17.41 -2.75
N ALA B 119 1.37 18.37 -1.92
CA ALA B 119 2.44 18.07 -0.98
C ALA B 119 1.88 17.06 0.03
N PRO B 120 2.64 16.00 0.30
CA PRO B 120 2.13 14.89 1.09
C PRO B 120 1.67 15.25 2.48
N GLU B 121 2.34 16.21 3.07
CA GLU B 121 2.00 16.72 4.40
C GLU B 121 0.72 17.57 4.43
N LYS B 122 0.16 17.92 3.28
CA LYS B 122 -1.12 18.63 3.22
C LYS B 122 -2.25 17.81 2.62
N ASP B 123 -1.93 16.56 2.24
CA ASP B 123 -2.84 15.71 1.44
C ASP B 123 -3.94 15.10 2.31
N VAL B 124 -4.88 15.91 2.76
CA VAL B 124 -5.90 15.45 3.71
C VAL B 124 -6.87 14.39 3.17
N ASP B 125 -7.07 14.31 1.87
CA ASP B 125 -7.86 13.18 1.28
C ASP B 125 -7.05 11.89 1.18
N GLY B 126 -5.71 11.98 1.37
CA GLY B 126 -4.84 10.84 1.45
C GLY B 126 -4.66 10.07 0.15
N LEU B 127 -4.85 10.70 -0.99
CA LEU B 127 -4.79 9.96 -2.25
C LEU B 127 -3.53 10.17 -3.08
N THR B 128 -2.59 10.96 -2.59
CA THR B 128 -1.29 11.00 -3.29
C THR B 128 -0.60 9.62 -3.20
N SER B 129 0.19 9.31 -4.23
CA SER B 129 0.97 8.09 -4.18
C SER B 129 1.92 7.97 -2.97
N ILE B 130 2.51 9.10 -2.56
CA ILE B 130 3.43 9.11 -1.44
C ILE B 130 2.69 8.75 -0.16
N ASN B 131 1.50 9.30 0.06
CA ASN B 131 0.72 9.00 1.25
CA ASN B 131 0.77 9.00 1.31
C ASN B 131 0.24 7.56 1.26
N ALA B 132 -0.26 7.10 0.11
CA ALA B 132 -0.68 5.68 -0.04
C ALA B 132 0.47 4.74 0.32
N GLY B 133 1.67 5.09 -0.15
CA GLY B 133 2.87 4.31 0.09
C GLY B 133 3.28 4.25 1.54
N ARG B 134 3.15 5.37 2.24
CA ARG B 134 3.38 5.41 3.65
C ARG B 134 2.35 4.56 4.38
N LEU B 135 1.08 4.73 4.05
CA LEU B 135 0.00 3.96 4.71
C LEU B 135 0.18 2.49 4.45
N ALA B 136 0.49 2.13 3.20
CA ALA B 136 0.61 0.76 2.84
C ALA B 136 1.77 0.07 3.52
N ARG B 137 2.80 0.81 3.93
CA ARG B 137 3.95 0.21 4.59
C ARG B 137 4.00 0.46 6.11
N GLY B 138 2.89 0.90 6.70
CA GLY B 138 2.74 0.94 8.15
C GLY B 138 3.12 2.24 8.84
N ASP B 139 3.33 3.36 8.11
CA ASP B 139 3.58 4.64 8.81
C ASP B 139 2.26 5.36 9.17
N LEU B 140 1.48 4.81 10.09
CA LEU B 140 0.20 5.36 10.48
C LEU B 140 0.30 6.55 11.46
N ASN B 141 1.49 6.86 12.00
CA ASN B 141 1.52 7.92 13.03
C ASN B 141 1.35 9.30 12.41
N ASP B 142 1.69 9.43 11.12
CA ASP B 142 1.70 10.72 10.50
C ASP B 142 1.27 10.83 9.00
N CYS B 143 0.99 9.72 8.31
CA CYS B 143 0.35 9.78 6.97
C CYS B 143 -1.13 10.20 7.11
N PHE B 144 -1.76 10.57 6.00
CA PHE B 144 -3.18 10.77 5.99
C PHE B 144 -3.86 9.54 5.51
N ILE B 145 -5.07 9.33 6.01
CA ILE B 145 -5.91 8.18 5.69
C ILE B 145 -7.18 8.64 4.91
N PRO B 146 -7.45 8.05 3.75
CA PRO B 146 -8.68 8.48 3.05
C PRO B 146 -9.95 8.36 3.90
N CYS B 147 -10.88 9.25 3.67
CA CYS B 147 -11.99 9.47 4.63
C CYS B 147 -12.93 8.27 4.86
N THR B 148 -13.22 7.49 3.82
CA THR B 148 -14.11 6.33 3.96
C THR B 148 -13.50 5.21 4.78
N PRO B 149 -12.31 4.73 4.41
CA PRO B 149 -11.73 3.71 5.27
C PRO B 149 -11.42 4.18 6.71
N LYS B 150 -10.96 5.42 6.86
CA LYS B 150 -10.83 6.03 8.16
C LYS B 150 -12.10 5.88 9.00
N GLY B 151 -13.24 6.21 8.41
CA GLY B 151 -14.53 6.11 9.10
C GLY B 151 -14.88 4.68 9.39
N CYS B 152 -14.56 3.77 8.47
CA CYS B 152 -14.74 2.34 8.73
C CYS B 152 -13.95 1.88 9.96
N LEU B 153 -12.69 2.30 10.06
CA LEU B 153 -11.85 1.85 11.17
C LEU B 153 -12.43 2.37 12.49
N GLU B 154 -12.81 3.64 12.49
CA GLU B 154 -13.50 4.23 13.63
C GLU B 154 -14.75 3.47 14.04
N LEU B 155 -15.62 3.12 13.09
CA LEU B 155 -16.78 2.28 13.39
C LEU B 155 -16.40 0.93 14.03
N ILE B 156 -15.38 0.26 13.51
CA ILE B 156 -14.92 -0.99 14.06
C ILE B 156 -14.47 -0.80 15.55
N LYS B 157 -13.72 0.29 15.80
CA LYS B 157 -13.22 0.54 17.13
C LYS B 157 -14.35 0.86 18.12
N GLU B 158 -15.44 1.49 17.62
CA GLU B 158 -16.64 1.73 18.42
C GLU B 158 -17.29 0.47 19.02
N THR B 159 -17.00 -0.70 18.46
CA THR B 159 -17.52 -1.91 19.02
C THR B 159 -16.81 -2.28 20.31
N GLY B 160 -15.62 -1.76 20.57
CA GLY B 160 -14.82 -2.21 21.70
C GLY B 160 -14.16 -3.59 21.54
N VAL B 161 -14.34 -4.26 20.40
CA VAL B 161 -13.67 -5.55 20.12
C VAL B 161 -12.27 -5.32 19.52
N PRO B 162 -11.21 -5.88 20.17
CA PRO B 162 -9.85 -5.61 19.66
C PRO B 162 -9.71 -6.22 18.27
N ILE B 163 -9.03 -5.47 17.42
CA ILE B 163 -8.78 -5.92 16.06
C ILE B 163 -7.69 -6.97 15.97
N ALA B 164 -6.63 -6.86 16.78
CA ALA B 164 -5.42 -7.72 16.69
C ALA B 164 -5.74 -9.20 16.74
N GLY B 165 -5.23 -9.96 15.81
CA GLY B 165 -5.50 -11.40 15.78
C GLY B 165 -6.78 -11.82 15.11
N ARG B 166 -7.69 -10.91 14.85
CA ARG B 166 -8.92 -11.22 14.11
C ARG B 166 -8.59 -11.46 12.64
N HIS B 167 -9.39 -12.30 12.00
CA HIS B 167 -9.32 -12.48 10.58
C HIS B 167 -10.27 -11.47 9.95
N ALA B 168 -9.72 -10.49 9.26
CA ALA B 168 -10.53 -9.51 8.58
C ALA B 168 -10.59 -9.81 7.09
N VAL B 169 -11.77 -9.58 6.52
CA VAL B 169 -11.96 -9.69 5.07
C VAL B 169 -12.40 -8.36 4.47
N VAL B 170 -11.69 -7.94 3.41
CA VAL B 170 -12.05 -6.74 2.66
C VAL B 170 -12.48 -7.15 1.27
N VAL B 171 -13.74 -6.85 0.93
CA VAL B 171 -14.27 -7.17 -0.39
C VAL B 171 -14.23 -5.85 -1.20
N GLY B 172 -13.33 -5.81 -2.16
CA GLY B 172 -12.97 -4.60 -2.89
C GLY B 172 -11.53 -4.18 -2.60
N ARG B 173 -10.88 -3.57 -3.59
CA ARG B 173 -9.48 -3.16 -3.57
C ARG B 173 -9.22 -1.79 -4.24
N SER B 174 -10.22 -0.90 -4.23
CA SER B 174 -10.12 0.40 -4.89
C SER B 174 -9.16 1.27 -4.14
N LYS B 175 -8.68 2.29 -4.86
CA LYS B 175 -7.76 3.30 -4.30
C LYS B 175 -8.39 4.09 -3.17
N ILE B 176 -9.68 4.35 -3.31
CA ILE B 176 -10.43 5.23 -2.41
C ILE B 176 -10.90 4.49 -1.17
N VAL B 177 -11.19 3.20 -1.28
CA VAL B 177 -11.72 2.45 -0.18
C VAL B 177 -10.99 1.17 0.14
N GLY B 178 -11.11 0.15 -0.70
CA GLY B 178 -10.66 -1.20 -0.38
C GLY B 178 -9.20 -1.37 -0.07
N ALA B 179 -8.33 -0.74 -0.87
CA ALA B 179 -6.91 -0.88 -0.65
C ALA B 179 -6.48 -0.21 0.66
N PRO B 180 -6.80 1.07 0.87
CA PRO B 180 -6.43 1.63 2.16
C PRO B 180 -7.11 0.94 3.34
N MET B 181 -8.29 0.36 3.13
CA MET B 181 -8.96 -0.36 4.20
C MET B 181 -8.12 -1.58 4.65
N HIS B 182 -7.64 -2.32 3.66
CA HIS B 182 -6.65 -3.38 3.89
C HIS B 182 -5.51 -2.86 4.77
N ASP B 183 -4.93 -1.73 4.38
CA ASP B 183 -3.76 -1.23 5.09
C ASP B 183 -4.07 -0.92 6.57
N LEU B 184 -5.21 -0.30 6.82
CA LEU B 184 -5.56 0.00 8.19
C LEU B 184 -5.76 -1.25 8.99
N LEU B 185 -6.44 -2.23 8.40
CA LEU B 185 -6.68 -3.46 9.14
C LEU B 185 -5.37 -4.20 9.43
N LEU B 186 -4.46 -4.27 8.47
CA LEU B 186 -3.20 -4.97 8.64
C LEU B 186 -2.35 -4.33 9.73
N TRP B 187 -2.26 -2.97 9.72
CA TRP B 187 -1.37 -2.32 10.68
C TRP B 187 -2.06 -2.19 12.02
N ASN B 188 -3.33 -2.55 12.14
CA ASN B 188 -3.91 -2.80 13.46
C ASN B 188 -3.87 -4.26 13.86
N ASN B 189 -3.06 -5.04 13.16
CA ASN B 189 -2.75 -6.41 13.51
C ASN B 189 -3.80 -7.49 13.28
N ALA B 190 -4.76 -7.19 12.41
CA ALA B 190 -5.59 -8.23 11.86
C ALA B 190 -4.79 -9.04 10.82
N THR B 191 -5.21 -10.29 10.65
CA THR B 191 -4.82 -11.10 9.53
C THR B 191 -5.84 -10.79 8.46
N VAL B 192 -5.38 -10.28 7.30
CA VAL B 192 -6.27 -9.70 6.29
C VAL B 192 -6.32 -10.48 4.97
N THR B 193 -7.52 -10.79 4.49
CA THR B 193 -7.76 -11.36 3.16
C THR B 193 -8.45 -10.29 2.30
N THR B 194 -7.86 -10.00 1.13
CA THR B 194 -8.45 -9.08 0.17
C THR B 194 -9.05 -9.85 -0.99
N CYS B 195 -10.35 -9.63 -1.22
CA CYS B 195 -11.12 -10.21 -2.30
C CYS B 195 -11.48 -9.12 -3.31
N HIS B 196 -11.88 -9.55 -4.53
CA HIS B 196 -12.19 -8.64 -5.63
C HIS B 196 -13.04 -9.38 -6.67
N SER B 197 -13.25 -8.80 -7.86
CA SER B 197 -14.11 -9.43 -8.93
C SER B 197 -13.64 -10.76 -9.46
N LYS B 198 -12.35 -11.09 -9.25
CA LYS B 198 -11.75 -12.38 -9.68
C LYS B 198 -11.60 -13.41 -8.56
N THR B 199 -12.15 -13.12 -7.39
CA THR B 199 -12.06 -14.04 -6.28
C THR B 199 -13.06 -15.15 -6.55
N ALA B 200 -12.59 -16.40 -6.45
CA ALA B 200 -13.42 -17.58 -6.60
C ALA B 200 -14.07 -17.89 -5.26
N HIS B 201 -15.29 -18.43 -5.29
CA HIS B 201 -15.97 -18.85 -4.04
C HIS B 201 -15.98 -17.72 -3.01
N LEU B 202 -16.45 -16.55 -3.45
CA LEU B 202 -16.47 -15.36 -2.63
C LEU B 202 -17.20 -15.61 -1.28
N ASP B 203 -18.30 -16.36 -1.35
CA ASP B 203 -19.10 -16.67 -0.15
C ASP B 203 -18.33 -17.38 0.93
N GLU B 204 -17.51 -18.36 0.54
CA GLU B 204 -16.67 -19.07 1.47
C GLU B 204 -15.56 -18.16 2.02
N GLU B 205 -15.03 -17.21 1.22
CA GLU B 205 -14.05 -16.23 1.71
C GLU B 205 -14.69 -15.30 2.74
N VAL B 206 -15.85 -14.76 2.40
CA VAL B 206 -16.57 -13.83 3.29
C VAL B 206 -16.88 -14.49 4.63
N ASN B 207 -17.21 -15.76 4.59
CA ASN B 207 -17.60 -16.49 5.78
C ASN B 207 -16.43 -16.73 6.78
N LYS B 208 -15.18 -16.41 6.43
CA LYS B 208 -14.04 -16.48 7.35
C LYS B 208 -13.83 -15.16 8.12
N GLY B 209 -14.54 -14.10 7.75
CA GLY B 209 -14.32 -12.77 8.37
C GLY B 209 -14.99 -12.50 9.69
N ASP B 210 -14.19 -12.45 10.76
CA ASP B 210 -14.61 -11.87 12.06
C ASP B 210 -14.88 -10.39 11.90
N ILE B 211 -14.17 -9.74 10.97
CA ILE B 211 -14.41 -8.37 10.60
C ILE B 211 -14.55 -8.42 9.09
N LEU B 212 -15.56 -7.77 8.57
CA LEU B 212 -15.87 -7.76 7.17
C LEU B 212 -16.10 -6.34 6.74
N VAL B 213 -15.34 -5.83 5.77
CA VAL B 213 -15.67 -4.57 5.18
C VAL B 213 -15.97 -4.79 3.71
N VAL B 214 -17.14 -4.32 3.24
CA VAL B 214 -17.57 -4.54 1.84
C VAL B 214 -17.60 -3.21 1.09
N ALA B 215 -16.89 -3.13 -0.03
CA ALA B 215 -16.88 -1.89 -0.80
C ALA B 215 -16.75 -2.26 -2.27
N THR B 216 -17.88 -2.71 -2.82
CA THR B 216 -17.99 -3.23 -4.17
C THR B 216 -18.84 -2.44 -5.15
N GLY B 217 -19.84 -1.73 -4.66
CA GLY B 217 -20.83 -1.08 -5.53
C GLY B 217 -21.76 -2.09 -6.19
N GLN B 218 -21.93 -3.29 -5.61
CA GLN B 218 -22.82 -4.33 -6.15
C GLN B 218 -23.96 -4.52 -5.14
N PRO B 219 -25.13 -3.93 -5.42
CA PRO B 219 -26.17 -3.79 -4.39
C PRO B 219 -26.57 -5.11 -3.76
N GLU B 220 -26.42 -5.20 -2.44
CA GLU B 220 -26.86 -6.35 -1.66
C GLU B 220 -26.31 -7.71 -2.12
N MET B 221 -25.17 -7.74 -2.80
CA MET B 221 -24.59 -8.99 -3.31
C MET B 221 -24.11 -9.92 -2.19
N VAL B 222 -23.57 -9.36 -1.11
CA VAL B 222 -23.10 -10.16 0.00
C VAL B 222 -24.31 -10.54 0.85
N LYS B 223 -24.71 -11.81 0.81
CA LYS B 223 -25.97 -12.26 1.42
C LYS B 223 -25.71 -12.61 2.87
N GLY B 224 -26.77 -12.55 3.68
CA GLY B 224 -26.68 -12.84 5.11
C GLY B 224 -26.05 -14.20 5.44
N GLU B 225 -26.42 -15.20 4.65
CA GLU B 225 -25.84 -16.55 4.72
C GLU B 225 -24.29 -16.57 4.65
N TRP B 226 -23.69 -15.62 3.95
CA TRP B 226 -22.23 -15.59 3.81
C TRP B 226 -21.56 -15.06 5.08
N ILE B 227 -22.28 -14.32 5.92
CA ILE B 227 -21.69 -13.69 7.10
C ILE B 227 -21.31 -14.73 8.17
N LYS B 228 -20.08 -14.65 8.67
CA LYS B 228 -19.71 -15.47 9.82
C LYS B 228 -20.52 -15.05 11.07
N PRO B 229 -21.07 -16.04 11.80
CA PRO B 229 -21.77 -15.69 13.05
C PRO B 229 -20.91 -14.90 14.03
N GLY B 230 -21.44 -13.79 14.54
CA GLY B 230 -20.72 -12.88 15.44
C GLY B 230 -19.83 -11.84 14.75
N ALA B 231 -19.83 -11.77 13.42
CA ALA B 231 -18.94 -10.86 12.71
C ALA B 231 -19.33 -9.39 12.88
N ILE B 232 -18.33 -8.51 12.74
CA ILE B 232 -18.49 -7.08 12.59
C ILE B 232 -18.55 -6.82 11.09
N VAL B 233 -19.68 -6.27 10.63
CA VAL B 233 -19.95 -6.05 9.22
C VAL B 233 -20.04 -4.54 8.96
N ILE B 234 -19.14 -4.09 8.08
CA ILE B 234 -19.01 -2.70 7.73
C ILE B 234 -19.34 -2.62 6.23
N ASP B 235 -20.37 -1.85 5.91
CA ASP B 235 -20.92 -1.77 4.57
C ASP B 235 -20.79 -0.36 3.97
N CYS B 236 -19.86 -0.20 3.03
CA CYS B 236 -19.59 1.09 2.36
C CYS B 236 -20.51 1.41 1.20
N GLY B 237 -21.34 0.47 0.80
CA GLY B 237 -22.13 0.64 -0.41
C GLY B 237 -23.18 1.74 -0.28
N ILE B 238 -23.36 2.51 -1.36
CA ILE B 238 -24.38 3.53 -1.54
C ILE B 238 -24.96 3.25 -2.95
N ASN B 239 -26.08 2.48 -2.98
CA ASN B 239 -26.67 2.06 -4.24
C ASN B 239 -28.13 2.56 -4.27
N TYR B 240 -28.53 3.22 -5.38
CA TYR B 240 -29.87 3.80 -5.51
C TYR B 240 -30.79 2.80 -6.16
N VAL B 241 -32.00 2.69 -5.64
CA VAL B 241 -32.99 1.72 -6.13
C VAL B 241 -34.37 2.45 -6.09
N PRO B 242 -35.17 2.43 -7.19
CA PRO B 242 -36.45 3.16 -7.06
C PRO B 242 -37.41 2.50 -6.09
N ASP B 243 -38.13 3.34 -5.33
CA ASP B 243 -39.03 2.93 -4.23
C ASP B 243 -40.03 4.07 -3.93
N ASP B 244 -41.23 3.93 -4.47
CA ASP B 244 -42.27 4.99 -4.41
C ASP B 244 -42.84 5.19 -3.03
N LYS B 245 -42.53 4.28 -2.10
CA LYS B 245 -42.92 4.41 -0.72
C LYS B 245 -42.02 5.36 0.09
N LYS B 246 -40.93 5.85 -0.53
CA LYS B 246 -40.00 6.78 0.16
C LYS B 246 -40.31 8.24 -0.17
N PRO B 247 -39.86 9.18 0.69
CA PRO B 247 -40.17 10.58 0.37
C PRO B 247 -39.70 11.07 -1.00
N ASN B 248 -38.47 10.73 -1.41
CA ASN B 248 -37.95 11.17 -2.71
C ASN B 248 -38.05 10.12 -3.79
N GLY B 249 -38.80 9.04 -3.56
CA GLY B 249 -38.99 7.94 -4.58
C GLY B 249 -37.78 7.04 -4.90
N ARG B 250 -36.82 6.99 -3.98
CA ARG B 250 -35.63 6.13 -4.13
C ARG B 250 -35.15 5.70 -2.75
N LYS B 251 -34.77 4.41 -2.61
CA LYS B 251 -34.09 3.99 -1.40
C LYS B 251 -32.56 3.88 -1.66
N VAL B 252 -31.79 3.96 -0.60
CA VAL B 252 -30.36 3.71 -0.61
C VAL B 252 -30.20 2.32 0.01
N VAL B 253 -29.45 1.44 -0.66
CA VAL B 253 -29.07 0.15 -0.05
C VAL B 253 -27.58 -0.07 -0.19
N GLY B 254 -27.11 -0.95 0.70
CA GLY B 254 -25.72 -1.25 0.81
C GLY B 254 -25.25 -2.34 -0.15
N ASP B 255 -23.97 -2.68 -0.01
CA ASP B 255 -23.39 -3.81 -0.69
C ASP B 255 -23.67 -5.09 0.05
N VAL B 256 -24.28 -4.99 1.24
CA VAL B 256 -24.64 -6.17 2.07
C VAL B 256 -26.20 -6.28 2.17
N ALA B 257 -26.74 -7.51 2.15
CA ALA B 257 -28.19 -7.77 2.33
C ALA B 257 -28.49 -7.64 3.82
N TYR B 258 -28.77 -6.41 4.21
CA TYR B 258 -28.83 -5.99 5.59
C TYR B 258 -29.80 -6.82 6.44
N ASP B 259 -31.00 -7.07 5.93
CA ASP B 259 -32.05 -7.65 6.75
C ASP B 259 -31.65 -9.08 7.19
N GLU B 260 -30.94 -9.84 6.35
CA GLU B 260 -30.47 -11.16 6.79
C GLU B 260 -29.10 -11.11 7.51
N ALA B 261 -28.20 -10.22 7.07
CA ALA B 261 -26.90 -10.05 7.74
C ALA B 261 -27.06 -9.56 9.19
N LYS B 262 -28.04 -8.71 9.46
CA LYS B 262 -28.28 -8.23 10.85
C LYS B 262 -28.63 -9.35 11.84
N GLU B 263 -29.12 -10.49 11.35
CA GLU B 263 -29.40 -11.65 12.20
C GLU B 263 -28.15 -12.48 12.49
N ARG B 264 -27.10 -12.32 11.72
CA ARG B 264 -25.87 -13.13 11.89
C ARG B 264 -24.73 -12.37 12.56
N ALA B 265 -24.59 -11.07 12.25
CA ALA B 265 -23.47 -10.26 12.75
C ALA B 265 -23.67 -9.93 14.23
N SER B 266 -22.62 -9.53 14.93
CA SER B 266 -22.74 -8.95 16.26
C SER B 266 -22.81 -7.42 16.18
N PHE B 267 -22.15 -6.82 15.19
CA PHE B 267 -22.26 -5.38 14.95
C PHE B 267 -22.40 -5.15 13.42
N ILE B 268 -23.28 -4.25 13.00
CA ILE B 268 -23.47 -4.00 11.57
C ILE B 268 -23.76 -2.52 11.32
N THR B 269 -23.25 -2.00 10.21
CA THR B 269 -23.59 -0.66 9.81
C THR B 269 -24.83 -0.68 8.91
N PRO B 270 -25.86 0.15 9.23
CA PRO B 270 -26.94 0.26 8.27
C PRO B 270 -26.54 1.15 7.11
N VAL B 271 -27.34 1.03 6.04
CA VAL B 271 -27.32 1.94 4.93
C VAL B 271 -28.77 2.38 4.62
N PRO B 272 -29.09 3.67 4.59
CA PRO B 272 -28.18 4.79 4.91
C PRO B 272 -27.87 4.88 6.41
N GLY B 273 -27.03 5.82 6.82
CA GLY B 273 -26.80 6.03 8.29
C GLY B 273 -25.63 5.34 9.00
N GLY B 274 -24.79 4.63 8.23
CA GLY B 274 -23.57 3.97 8.75
C GLY B 274 -22.28 4.64 8.38
N VAL B 275 -21.67 4.13 7.33
CA VAL B 275 -20.39 4.66 6.85
C VAL B 275 -20.51 6.10 6.27
N GLY B 276 -21.56 6.37 5.51
CA GLY B 276 -21.69 7.69 4.85
C GLY B 276 -21.51 8.94 5.69
N PRO B 277 -22.25 9.05 6.81
CA PRO B 277 -22.12 10.28 7.64
C PRO B 277 -20.79 10.40 8.33
N MET B 278 -20.02 9.32 8.43
CA MET B 278 -18.65 9.40 8.99
C MET B 278 -17.68 10.23 8.13
N THR B 279 -17.95 10.30 6.83
CA THR B 279 -16.91 10.68 5.90
C THR B 279 -16.44 12.11 6.03
N VAL B 280 -17.37 13.02 6.21
CA VAL B 280 -17.02 14.44 6.37
C VAL B 280 -16.34 14.69 7.71
N ALA B 281 -16.79 14.04 8.77
CA ALA B 281 -16.12 14.13 10.05
C ALA B 281 -14.65 13.66 9.96
N MET B 282 -14.41 12.57 9.22
CA MET B 282 -13.07 12.04 9.03
C MET B 282 -12.14 13.04 8.28
N LEU B 283 -12.66 13.73 7.26
CA LEU B 283 -11.92 14.82 6.60
C LEU B 283 -11.54 15.93 7.58
N MET B 284 -12.48 16.29 8.43
CA MET B 284 -12.22 17.30 9.47
C MET B 284 -11.19 16.79 10.46
N GLN B 285 -11.28 15.54 10.87
CA GLN B 285 -10.25 14.99 11.76
C GLN B 285 -8.89 15.02 11.09
N SER B 286 -8.81 14.67 9.81
CA SER B 286 -7.52 14.72 9.09
C SER B 286 -6.98 16.15 8.98
N THR B 287 -7.88 17.11 8.75
CA THR B 287 -7.51 18.52 8.71
C THR B 287 -6.94 18.96 10.06
N VAL B 288 -7.60 18.58 11.16
CA VAL B 288 -7.08 18.90 12.47
C VAL B 288 -5.72 18.23 12.75
N GLU B 289 -5.53 16.96 12.31
CA GLU B 289 -4.23 16.31 12.48
C GLU B 289 -3.17 17.10 11.69
N SER B 290 -3.50 17.52 10.45
CA SER B 290 -2.49 18.25 9.71
C SER B 290 -2.10 19.55 10.47
N ALA B 291 -3.11 20.29 10.96
CA ALA B 291 -2.81 21.52 11.72
C ALA B 291 -1.95 21.25 12.97
N LYS B 292 -2.23 20.18 13.71
CA LYS B 292 -1.41 19.82 14.90
C LYS B 292 0.04 19.47 14.57
N ARG B 293 0.26 18.73 13.51
CA ARG B 293 1.63 18.44 13.05
C ARG B 293 2.40 19.69 12.64
N PHE B 294 1.73 20.61 11.94
CA PHE B 294 2.39 21.85 11.52
C PHE B 294 2.78 22.68 12.77
N LEU B 295 1.94 22.64 13.81
CA LEU B 295 2.26 23.28 15.09
C LEU B 295 3.50 22.71 15.84
N GLU B 296 4.27 21.81 15.23
CA GLU B 296 5.61 21.44 15.70
C GLU B 296 6.72 21.70 14.65
#